data_3MRJ
#
_entry.id   3MRJ
#
_cell.length_a   54.580
_cell.length_b   80.100
_cell.length_c   57.880
_cell.angle_alpha   90.000
_cell.angle_beta   114.960
_cell.angle_gamma   90.000
#
_symmetry.space_group_name_H-M   'P 1 21 1'
#
loop_
_entity.id
_entity.type
_entity.pdbx_description
1 polymer 'HLA class I histocompatibility antigen, A-2 alpha chain'
2 polymer Beta-2-microglobulin
3 polymer '9-meric peptide from Serine protease/NTPase/helicase NS3'
4 water water
#
loop_
_entity_poly.entity_id
_entity_poly.type
_entity_poly.pdbx_seq_one_letter_code
_entity_poly.pdbx_strand_id
1 'polypeptide(L)'
;GSHSMRYFFTSVSRPGRGEPRFIAVGYVDDTQFVRFDSDAASQRMEPRAPWIEQEGPEYWDGETRKVKAHSQTHRVDLGT
LRGYYNQSEAGSHTVQRMYGCDVGSDWRFLRGYHQYAYDGKDYIALKEDLRSWTAADMAAQTTKHKWEAAHVAEQLRAYL
EGTCVEWLRRYLENGKETLQRTDAPKTHMTHHAVSDHEATLRCWALSFYPAEITLTWQRDGEDQTQDTELVETRPAGDGT
FQKWVAVVVPSGQEQRYTCHVQHEGLPKPLTLRWEPGSLHHILDAQKMVWNHR
;
A
2 'polypeptide(L)'
;MIQRTPKIQVYSRHPAENGKSNFLNCYVSGFHPSDIEVDLLKNGERIEKVEHSDLSFSKDWSFYLLYYTEFTPTEKDEYA
CRVNHVTLSQPKIVKWDRDM
;
B
3 'polypeptide(L)' CINGMCWTV P
#
# COMPACT_ATOMS: atom_id res chain seq x y z
N GLY A 1 10.78 -10.27 -15.30
CA GLY A 1 9.36 -10.63 -15.01
C GLY A 1 8.41 -9.52 -15.42
N SER A 2 7.15 -9.63 -15.00
CA SER A 2 6.16 -8.58 -15.26
C SER A 2 6.37 -7.34 -14.37
N HIS A 3 5.91 -6.17 -14.85
CA HIS A 3 6.06 -4.92 -14.12
C HIS A 3 4.83 -4.06 -14.25
N SER A 4 4.70 -3.09 -13.36
CA SER A 4 3.55 -2.19 -13.38
C SER A 4 3.97 -0.79 -12.99
N MET A 5 3.29 0.20 -13.54
CA MET A 5 3.32 1.56 -12.99
C MET A 5 1.92 1.97 -12.55
N ARG A 6 1.77 2.47 -11.32
CA ARG A 6 0.46 2.91 -10.84
CA ARG A 6 0.46 2.88 -10.84
C ARG A 6 0.55 4.24 -10.12
N TYR A 7 -0.49 5.06 -10.27
CA TYR A 7 -0.57 6.31 -9.51
C TYR A 7 -1.83 6.26 -8.66
N PHE A 8 -1.73 6.80 -7.44
CA PHE A 8 -2.85 6.76 -6.49
C PHE A 8 -3.09 8.20 -6.07
N PHE A 9 -4.36 8.62 -6.07
CA PHE A 9 -4.70 9.98 -5.68
C PHE A 9 -5.84 9.96 -4.66
N THR A 10 -5.69 10.72 -3.57
CA THR A 10 -6.72 10.82 -2.52
C THR A 10 -6.99 12.29 -2.24
N SER A 11 -8.26 12.71 -2.35
CA SER A 11 -8.67 14.05 -1.96
C SER A 11 -9.70 13.95 -0.85
N VAL A 12 -9.52 14.75 0.20
CA VAL A 12 -10.45 14.70 1.34
C VAL A 12 -10.96 16.11 1.59
N SER A 13 -12.27 16.33 1.41
CA SER A 13 -12.78 17.71 1.56
C SER A 13 -12.62 18.16 3.00
N ARG A 14 -12.53 19.47 3.17
CA ARG A 14 -12.34 20.09 4.46
C ARG A 14 -13.42 21.15 4.60
N PRO A 15 -14.60 20.73 5.07
CA PRO A 15 -15.68 21.70 5.13
C PRO A 15 -15.35 22.66 6.28
N GLY A 16 -15.85 23.86 6.23
CA GLY A 16 -15.49 24.75 7.33
C GLY A 16 -14.37 25.67 6.91
N ARG A 17 -13.34 25.16 6.22
CA ARG A 17 -12.32 26.05 5.63
C ARG A 17 -11.32 25.48 4.60
N GLY A 18 -11.33 26.05 3.40
CA GLY A 18 -10.28 25.84 2.41
C GLY A 18 -10.48 24.65 1.47
N GLU A 19 -9.46 24.38 0.66
CA GLU A 19 -9.50 23.29 -0.32
C GLU A 19 -9.21 21.92 0.28
N PRO A 20 -9.59 20.83 -0.42
CA PRO A 20 -9.32 19.49 0.07
C PRO A 20 -7.85 19.22 0.36
N ARG A 21 -7.58 18.26 1.23
CA ARG A 21 -6.24 17.70 1.38
C ARG A 21 -6.08 16.73 0.21
N PHE A 22 -5.02 16.90 -0.59
CA PHE A 22 -4.77 16.11 -1.79
C PHE A 22 -3.38 15.46 -1.69
N ILE A 23 -3.33 14.15 -1.82
CA ILE A 23 -2.09 13.37 -1.76
C ILE A 23 -2.05 12.43 -2.97
N ALA A 24 -0.98 12.54 -3.75
CA ALA A 24 -0.72 11.72 -4.94
C ALA A 24 0.59 10.95 -4.74
N VAL A 25 0.60 9.67 -5.09
CA VAL A 25 1.82 8.87 -4.98
C VAL A 25 1.97 8.06 -6.27
N GLY A 26 3.21 7.85 -6.69
CA GLY A 26 3.45 7.04 -7.90
C GLY A 26 4.35 5.88 -7.56
N TYR A 27 4.04 4.71 -8.12
CA TYR A 27 4.82 3.48 -7.87
C TYR A 27 5.27 2.84 -9.17
N VAL A 28 6.44 2.22 -9.12
CA VAL A 28 6.80 1.20 -10.11
C VAL A 28 6.90 -0.08 -9.30
N ASP A 29 6.12 -1.09 -9.68
CA ASP A 29 5.96 -2.31 -8.87
C ASP A 29 5.69 -1.92 -7.42
N ASP A 30 6.47 -2.44 -6.47
CA ASP A 30 6.28 -2.08 -5.05
C ASP A 30 7.16 -0.92 -4.56
N THR A 31 7.70 -0.14 -5.48
CA THR A 31 8.58 0.98 -5.14
C THR A 31 7.93 2.33 -5.40
N GLN A 32 7.71 3.10 -4.34
CA GLN A 32 7.24 4.47 -4.51
C GLN A 32 8.36 5.34 -5.10
N PHE A 33 8.03 6.18 -6.07
CA PHE A 33 9.07 7.03 -6.71
C PHE A 33 8.74 8.52 -6.78
N VAL A 34 7.46 8.90 -6.68
CA VAL A 34 7.10 10.32 -6.62
C VAL A 34 5.98 10.55 -5.60
N ARG A 35 5.85 11.79 -5.15
CA ARG A 35 4.68 12.20 -4.36
C ARG A 35 4.35 13.67 -4.56
N PHE A 36 3.11 14.02 -4.28
CA PHE A 36 2.69 15.40 -4.15
C PHE A 36 1.79 15.43 -2.91
N ASP A 37 1.99 16.40 -2.03
CA ASP A 37 1.13 16.53 -0.86
C ASP A 37 0.74 17.99 -0.74
N SER A 38 -0.55 18.29 -0.92
CA SER A 38 -1.04 19.67 -0.86
C SER A 38 -0.66 20.42 0.43
N ASP A 39 -0.41 19.68 1.52
CA ASP A 39 -0.07 20.30 2.80
C ASP A 39 1.43 20.63 2.92
N ALA A 40 2.24 20.07 2.02
CA ALA A 40 3.69 20.28 2.02
C ALA A 40 4.05 21.65 1.45
N ALA A 41 5.26 22.12 1.77
CA ALA A 41 5.68 23.49 1.46
C ALA A 41 6.04 23.73 0.00
N SER A 42 6.62 22.72 -0.65
CA SER A 42 7.14 22.88 -2.02
C SER A 42 6.08 23.14 -3.08
N GLN A 43 4.89 22.56 -2.92
CA GLN A 43 3.87 22.61 -3.98
C GLN A 43 4.45 22.11 -5.31
N ARG A 44 5.36 21.15 -5.22
CA ARG A 44 5.91 20.46 -6.39
C ARG A 44 5.71 18.97 -6.26
N MET A 45 5.64 18.29 -7.41
CA MET A 45 5.83 16.85 -7.44
C MET A 45 7.29 16.60 -7.00
N GLU A 46 7.47 15.67 -6.07
CA GLU A 46 8.78 15.44 -5.42
C GLU A 46 9.31 14.01 -5.67
N PRO A 47 10.64 13.86 -5.86
CA PRO A 47 11.23 12.52 -5.98
C PRO A 47 11.19 11.70 -4.68
N ARG A 48 10.94 10.40 -4.80
CA ARG A 48 10.96 9.50 -3.66
C ARG A 48 11.80 8.24 -3.92
N ALA A 49 12.50 8.22 -5.04
CA ALA A 49 13.48 7.17 -5.33
C ALA A 49 14.69 7.79 -6.03
N PRO A 50 15.91 7.24 -5.82
CA PRO A 50 17.09 7.87 -6.42
C PRO A 50 17.07 7.95 -7.96
N TRP A 51 16.56 6.90 -8.61
CA TRP A 51 16.60 6.79 -10.07
C TRP A 51 15.68 7.77 -10.80
N ILE A 52 14.70 8.36 -10.10
CA ILE A 52 13.88 9.42 -10.74
C ILE A 52 14.56 10.80 -10.69
N GLU A 53 15.57 10.95 -9.83
CA GLU A 53 16.28 12.25 -9.71
C GLU A 53 17.08 12.59 -10.98
N GLN A 54 17.36 11.57 -11.80
CA GLN A 54 17.98 11.74 -13.12
C GLN A 54 17.14 12.63 -14.05
N GLU A 55 15.83 12.69 -13.79
CA GLU A 55 14.94 13.51 -14.61
C GLU A 55 15.18 15.00 -14.40
N GLY A 56 15.11 15.76 -15.49
CA GLY A 56 15.43 17.18 -15.46
C GLY A 56 14.28 18.11 -15.11
N PRO A 57 14.58 19.43 -15.00
CA PRO A 57 13.64 20.47 -14.61
C PRO A 57 12.33 20.43 -15.38
N GLU A 58 12.39 20.15 -16.67
CA GLU A 58 11.18 20.09 -17.50
C GLU A 58 10.25 18.96 -17.05
N TYR A 59 10.85 17.85 -16.61
CA TYR A 59 10.07 16.73 -16.08
C TYR A 59 9.27 17.19 -14.88
N TRP A 60 9.99 17.76 -13.91
CA TRP A 60 9.40 18.18 -12.64
C TRP A 60 8.37 19.30 -12.79
N ASP A 61 8.64 20.24 -13.67
CA ASP A 61 7.64 21.29 -13.99
C ASP A 61 6.37 20.69 -14.59
N GLY A 62 6.55 19.74 -15.52
CA GLY A 62 5.39 19.06 -16.14
C GLY A 62 4.55 18.26 -15.16
N GLU A 63 5.22 17.43 -14.36
CA GLU A 63 4.51 16.60 -13.37
C GLU A 63 3.78 17.48 -12.35
N THR A 64 4.40 18.61 -12.00
CA THR A 64 3.80 19.51 -11.03
C THR A 64 2.53 20.14 -11.60
N ARG A 65 2.63 20.62 -12.84
CA ARG A 65 1.52 21.23 -13.58
CA ARG A 65 1.49 21.26 -13.49
C ARG A 65 0.31 20.30 -13.59
N LYS A 66 0.57 19.08 -14.07
CA LYS A 66 -0.47 18.05 -14.22
C LYS A 66 -1.08 17.65 -12.89
N VAL A 67 -0.23 17.46 -11.88
CA VAL A 67 -0.74 17.00 -10.57
C VAL A 67 -1.54 18.08 -9.85
N LYS A 68 -1.16 19.34 -10.02
CA LYS A 68 -1.95 20.45 -9.49
C LYS A 68 -3.31 20.50 -10.19
N ALA A 69 -3.32 20.31 -11.52
CA ALA A 69 -4.57 20.26 -12.28
C ALA A 69 -5.47 19.14 -11.77
N HIS A 70 -4.84 18.01 -11.45
CA HIS A 70 -5.49 16.83 -10.89
CA HIS A 70 -5.53 16.86 -10.93
C HIS A 70 -6.22 17.18 -9.59
N SER A 71 -5.56 17.95 -8.72
CA SER A 71 -6.11 18.30 -7.43
C SER A 71 -7.35 19.18 -7.63
N GLN A 72 -7.30 20.06 -8.62
CA GLN A 72 -8.46 20.90 -8.95
C GLN A 72 -9.65 20.11 -9.50
N THR A 73 -9.38 19.12 -10.35
CA THR A 73 -10.41 18.23 -10.87
C THR A 73 -11.12 17.54 -9.71
N HIS A 74 -10.34 17.00 -8.77
CA HIS A 74 -10.94 16.32 -7.62
C HIS A 74 -11.72 17.28 -6.72
N ARG A 75 -11.23 18.50 -6.59
CA ARG A 75 -11.94 19.52 -5.83
C ARG A 75 -13.33 19.76 -6.44
N VAL A 76 -13.38 19.97 -7.75
CA VAL A 76 -14.67 20.08 -8.49
C VAL A 76 -15.51 18.82 -8.26
N ASP A 77 -14.91 17.63 -8.44
CA ASP A 77 -15.61 16.36 -8.25
C ASP A 77 -16.29 16.25 -6.91
N LEU A 78 -15.58 16.61 -5.85
CA LEU A 78 -16.15 16.60 -4.50
C LEU A 78 -17.45 17.41 -4.38
N GLY A 79 -17.49 18.58 -5.02
CA GLY A 79 -18.71 19.39 -5.01
C GLY A 79 -19.83 18.75 -5.80
N THR A 80 -19.49 18.20 -6.96
CA THR A 80 -20.46 17.55 -7.82
C THR A 80 -21.09 16.35 -7.14
N LEU A 81 -20.24 15.53 -6.52
CA LEU A 81 -20.67 14.29 -5.85
C LEU A 81 -21.59 14.55 -4.68
N ARG A 82 -21.33 15.64 -3.98
CA ARG A 82 -22.15 16.04 -2.84
C ARG A 82 -23.56 16.34 -3.32
N GLY A 83 -23.63 16.97 -4.50
CA GLY A 83 -24.90 17.30 -5.16
C GLY A 83 -25.60 16.07 -5.71
N TYR A 84 -24.84 15.19 -6.39
CA TYR A 84 -25.39 13.91 -6.84
C TYR A 84 -26.03 13.10 -5.72
N TYR A 85 -25.36 13.05 -4.58
CA TYR A 85 -25.80 12.22 -3.45
C TYR A 85 -26.65 12.99 -2.42
N ASN A 86 -26.95 14.24 -2.76
CA ASN A 86 -27.79 15.13 -1.91
C ASN A 86 -27.27 15.21 -0.46
N GLN A 87 -25.97 15.47 -0.34
CA GLN A 87 -25.32 15.52 0.96
C GLN A 87 -25.12 16.98 1.37
N SER A 88 -25.00 17.21 2.68
CA SER A 88 -24.84 18.58 3.17
C SER A 88 -23.43 19.09 2.89
N GLU A 89 -23.27 20.42 2.89
CA GLU A 89 -21.95 21.07 2.80
C GLU A 89 -21.09 20.79 4.03
N ALA A 90 -21.72 20.25 5.07
CA ALA A 90 -21.11 20.07 6.40
C ALA A 90 -20.08 18.95 6.56
N GLY A 91 -20.32 17.79 5.94
CA GLY A 91 -19.46 16.63 6.17
C GLY A 91 -18.21 16.57 5.30
N SER A 92 -17.21 15.82 5.77
CA SER A 92 -16.00 15.57 4.98
C SER A 92 -16.22 14.32 4.10
N HIS A 93 -15.77 14.39 2.86
CA HIS A 93 -15.91 13.26 1.94
C HIS A 93 -14.63 13.01 1.18
N THR A 94 -14.53 11.82 0.58
CA THR A 94 -13.28 11.36 0.00
C THR A 94 -13.49 10.91 -1.44
N VAL A 95 -12.59 11.33 -2.30
CA VAL A 95 -12.48 10.77 -3.64
CA VAL A 95 -12.47 10.83 -3.66
C VAL A 95 -11.11 10.12 -3.81
N GLN A 96 -11.11 8.93 -4.41
CA GLN A 96 -9.86 8.23 -4.69
C GLN A 96 -9.86 7.84 -6.14
N ARG A 97 -8.69 7.93 -6.75
CA ARG A 97 -8.53 7.48 -8.15
C ARG A 97 -7.24 6.71 -8.23
N MET A 98 -7.23 5.60 -8.97
CA MET A 98 -6.00 4.88 -9.26
C MET A 98 -6.00 4.55 -10.74
N TYR A 99 -4.85 4.72 -11.38
CA TYR A 99 -4.68 4.25 -12.75
C TYR A 99 -3.25 3.80 -12.99
N GLY A 100 -3.06 3.06 -14.08
CA GLY A 100 -1.74 2.52 -14.39
C GLY A 100 -1.77 1.45 -15.46
N CYS A 101 -0.60 0.86 -15.69
CA CYS A 101 -0.42 -0.13 -16.75
C CYS A 101 0.43 -1.26 -16.24
N ASP A 102 0.18 -2.46 -16.77
CA ASP A 102 1.02 -3.63 -16.54
C ASP A 102 1.68 -3.99 -17.86
N VAL A 103 2.94 -4.40 -17.79
CA VAL A 103 3.63 -5.01 -18.92
C VAL A 103 4.06 -6.41 -18.53
N GLY A 104 4.23 -7.28 -19.51
CA GLY A 104 4.69 -8.62 -19.22
C GLY A 104 6.21 -8.67 -19.25
N SER A 105 6.74 -9.88 -19.27
CA SER A 105 8.20 -10.11 -19.31
C SER A 105 8.88 -9.50 -20.52
N ASP A 106 8.14 -9.36 -21.62
CA ASP A 106 8.62 -8.67 -22.83
C ASP A 106 8.60 -7.15 -22.70
N TRP A 107 8.15 -6.66 -21.54
CA TRP A 107 8.02 -5.23 -21.27
C TRP A 107 7.06 -4.56 -22.24
N ARG A 108 6.11 -5.33 -22.75
CA ARG A 108 5.09 -4.78 -23.64
C ARG A 108 3.74 -4.78 -22.95
N PHE A 109 2.90 -3.83 -23.33
CA PHE A 109 1.56 -3.68 -22.74
C PHE A 109 0.80 -5.00 -22.58
N LEU A 110 0.30 -5.22 -21.36
CA LEU A 110 -0.56 -6.33 -21.01
C LEU A 110 -1.95 -5.84 -20.66
N ARG A 111 -2.02 -4.89 -19.73
CA ARG A 111 -3.29 -4.44 -19.14
CA ARG A 111 -3.31 -4.43 -19.23
C ARG A 111 -3.21 -2.98 -18.74
N GLY A 112 -4.35 -2.29 -18.80
CA GLY A 112 -4.49 -0.91 -18.28
C GLY A 112 -5.65 -0.81 -17.30
N TYR A 113 -5.62 0.20 -16.42
CA TYR A 113 -6.60 0.36 -15.32
CA TYR A 113 -6.70 0.36 -15.48
C TYR A 113 -6.88 1.83 -15.10
N HIS A 114 -8.13 2.18 -14.83
CA HIS A 114 -8.46 3.53 -14.39
C HIS A 114 -9.74 3.43 -13.56
N GLN A 115 -9.61 3.59 -12.24
CA GLN A 115 -10.76 3.46 -11.36
C GLN A 115 -10.91 4.59 -10.35
N TYR A 116 -12.15 4.78 -9.93
CA TYR A 116 -12.53 5.94 -9.14
C TYR A 116 -13.52 5.48 -8.06
N ALA A 117 -13.34 6.00 -6.85
CA ALA A 117 -14.24 5.71 -5.73
C ALA A 117 -14.66 6.99 -5.02
N TYR A 118 -15.86 6.96 -4.45
CA TYR A 118 -16.35 8.05 -3.62
C TYR A 118 -16.71 7.48 -2.27
N ASP A 119 -16.18 8.12 -1.24
CA ASP A 119 -16.33 7.65 0.13
C ASP A 119 -16.04 6.15 0.29
N GLY A 120 -14.97 5.69 -0.34
CA GLY A 120 -14.48 4.32 -0.20
C GLY A 120 -15.26 3.25 -0.93
N LYS A 121 -16.25 3.66 -1.71
CA LYS A 121 -17.07 2.72 -2.51
C LYS A 121 -16.80 2.91 -4.00
N ASP A 122 -16.86 1.81 -4.77
CA ASP A 122 -16.73 1.87 -6.23
C ASP A 122 -17.68 2.90 -6.75
N TYR A 123 -17.18 3.74 -7.64
CA TYR A 123 -18.00 4.74 -8.32
C TYR A 123 -18.03 4.44 -9.82
N ILE A 124 -16.92 4.68 -10.50
CA ILE A 124 -16.81 4.36 -11.93
C ILE A 124 -15.43 3.81 -12.27
N ALA A 125 -15.36 2.83 -13.18
CA ALA A 125 -14.07 2.27 -13.57
C ALA A 125 -14.08 1.94 -15.04
N LEU A 126 -12.91 2.10 -15.68
CA LEU A 126 -12.73 1.62 -17.04
C LEU A 126 -12.80 0.07 -17.05
N LYS A 127 -13.46 -0.49 -18.05
CA LYS A 127 -13.49 -1.94 -18.23
C LYS A 127 -12.15 -2.42 -18.78
N GLU A 128 -11.91 -3.74 -18.75
CA GLU A 128 -10.59 -4.29 -19.12
C GLU A 128 -10.16 -3.93 -20.54
N ASP A 129 -11.11 -3.82 -21.46
CA ASP A 129 -10.78 -3.46 -22.84
C ASP A 129 -10.47 -1.98 -23.07
N LEU A 130 -10.67 -1.15 -22.02
CA LEU A 130 -10.35 0.28 -22.05
C LEU A 130 -11.21 1.03 -23.07
N ARG A 131 -12.42 0.49 -23.31
CA ARG A 131 -13.33 1.03 -24.32
C ARG A 131 -14.68 1.42 -23.75
N SER A 132 -14.96 1.00 -22.52
CA SER A 132 -16.22 1.35 -21.86
C SER A 132 -16.08 1.37 -20.35
N TRP A 133 -17.17 1.73 -19.67
CA TRP A 133 -17.16 2.02 -18.24
C TRP A 133 -18.09 1.13 -17.42
N THR A 134 -17.65 0.79 -16.21
CA THR A 134 -18.55 0.18 -15.21
C THR A 134 -18.99 1.25 -14.23
N ALA A 135 -20.30 1.54 -14.16
CA ALA A 135 -20.84 2.57 -13.28
C ALA A 135 -21.64 1.87 -12.20
N ALA A 136 -21.35 2.15 -10.94
CA ALA A 136 -21.93 1.37 -9.81
C ALA A 136 -23.38 1.72 -9.51
N ASP A 137 -23.73 2.99 -9.65
CA ASP A 137 -25.07 3.46 -9.34
C ASP A 137 -25.51 4.54 -10.34
N MET A 138 -26.65 5.17 -10.09
CA MET A 138 -27.24 6.09 -11.07
C MET A 138 -26.46 7.38 -11.15
N ALA A 139 -25.82 7.78 -10.04
CA ALA A 139 -24.92 8.94 -10.06
C ALA A 139 -23.76 8.68 -11.01
N ALA A 140 -23.07 7.56 -10.81
CA ALA A 140 -21.99 7.12 -11.69
C ALA A 140 -22.45 6.92 -13.12
N GLN A 141 -23.70 6.46 -13.31
CA GLN A 141 -24.27 6.35 -14.66
CA GLN A 141 -24.25 6.35 -14.67
C GLN A 141 -24.30 7.71 -15.37
N THR A 142 -24.61 8.77 -14.62
CA THR A 142 -24.60 10.10 -15.21
C THR A 142 -23.18 10.50 -15.65
N THR A 143 -22.21 10.23 -14.79
CA THR A 143 -20.80 10.40 -15.16
C THR A 143 -20.43 9.57 -16.40
N LYS A 144 -20.84 8.31 -16.43
CA LYS A 144 -20.58 7.42 -17.57
C LYS A 144 -21.07 8.06 -18.88
N HIS A 145 -22.30 8.59 -18.88
CA HIS A 145 -22.86 9.23 -20.08
C HIS A 145 -22.06 10.46 -20.50
N LYS A 146 -21.68 11.27 -19.52
CA LYS A 146 -20.87 12.45 -19.75
C LYS A 146 -19.52 12.08 -20.39
N TRP A 147 -18.90 11.02 -19.88
CA TRP A 147 -17.56 10.66 -20.31
C TRP A 147 -17.60 9.98 -21.66
N GLU A 148 -18.72 9.32 -21.96
CA GLU A 148 -18.97 8.73 -23.27
C GLU A 148 -19.08 9.79 -24.34
N ALA A 149 -19.90 10.82 -24.06
CA ALA A 149 -20.06 11.95 -24.97
C ALA A 149 -18.72 12.67 -25.22
N ALA A 150 -17.90 12.77 -24.17
CA ALA A 150 -16.59 13.46 -24.27
C ALA A 150 -15.44 12.55 -24.75
N HIS A 151 -15.76 11.28 -25.06
CA HIS A 151 -14.77 10.31 -25.56
C HIS A 151 -13.53 10.20 -24.65
N VAL A 152 -13.79 10.15 -23.35
CA VAL A 152 -12.76 10.05 -22.33
C VAL A 152 -12.00 8.73 -22.46
N ALA A 153 -12.75 7.65 -22.66
CA ALA A 153 -12.13 6.32 -22.74
C ALA A 153 -11.02 6.26 -23.79
N GLU A 154 -11.27 6.86 -24.94
CA GLU A 154 -10.30 6.86 -26.06
C GLU A 154 -8.96 7.48 -25.67
N GLN A 155 -9.03 8.65 -25.04
CA GLN A 155 -7.84 9.38 -24.61
C GLN A 155 -7.14 8.68 -23.44
N LEU A 156 -7.92 8.05 -22.56
CA LEU A 156 -7.33 7.30 -21.46
C LEU A 156 -6.59 6.08 -21.98
N ARG A 157 -7.23 5.36 -22.89
CA ARG A 157 -6.61 4.19 -23.53
C ARG A 157 -5.28 4.56 -24.20
N ALA A 158 -5.26 5.69 -24.89
CA ALA A 158 -4.05 6.17 -25.57
C ALA A 158 -2.89 6.34 -24.59
N TYR A 159 -3.17 6.95 -23.44
CA TYR A 159 -2.16 7.10 -22.38
C TYR A 159 -1.71 5.75 -21.82
N LEU A 160 -2.67 4.89 -21.49
CA LEU A 160 -2.37 3.64 -20.79
C LEU A 160 -1.57 2.67 -21.64
N GLU A 161 -1.82 2.70 -22.95
CA GLU A 161 -1.13 1.82 -23.90
C GLU A 161 0.15 2.47 -24.43
N GLY A 162 0.21 3.79 -24.36
CA GLY A 162 1.31 4.57 -24.95
C GLY A 162 2.23 5.10 -23.90
N THR A 163 1.97 6.35 -23.46
CA THR A 163 2.80 7.06 -22.52
C THR A 163 3.14 6.25 -21.28
N CYS A 164 2.11 5.58 -20.72
CA CYS A 164 2.29 4.81 -19.48
C CYS A 164 3.36 3.73 -19.65
N VAL A 165 3.25 2.91 -20.70
CA VAL A 165 4.22 1.83 -20.88
C VAL A 165 5.59 2.38 -21.29
N GLU A 166 5.59 3.43 -22.11
CA GLU A 166 6.83 4.04 -22.57
CA GLU A 166 6.82 4.09 -22.57
C GLU A 166 7.65 4.56 -21.39
N TRP A 167 6.99 5.25 -20.44
CA TRP A 167 7.69 5.78 -19.28
C TRP A 167 8.02 4.70 -18.22
N LEU A 168 7.15 3.72 -18.07
CA LEU A 168 7.47 2.56 -17.23
C LEU A 168 8.77 1.89 -17.71
N ARG A 169 8.85 1.62 -19.01
CA ARG A 169 10.06 1.07 -19.63
C ARG A 169 11.28 1.93 -19.33
N ARG A 170 11.13 3.24 -19.48
CA ARG A 170 12.21 4.18 -19.15
C ARG A 170 12.67 4.03 -17.70
N TYR A 171 11.71 4.04 -16.78
CA TYR A 171 12.00 3.92 -15.36
C TYR A 171 12.70 2.60 -15.03
N LEU A 172 12.20 1.49 -15.58
CA LEU A 172 12.80 0.18 -15.37
C LEU A 172 14.28 0.13 -15.75
N GLU A 173 14.63 0.76 -16.87
CA GLU A 173 16.03 0.85 -17.29
C GLU A 173 16.83 1.77 -16.38
N ASN A 174 16.33 2.97 -16.16
CA ASN A 174 17.04 3.93 -15.35
C ASN A 174 17.21 3.42 -13.92
N GLY A 175 16.19 2.72 -13.41
CA GLY A 175 16.28 2.19 -12.03
C GLY A 175 16.67 0.72 -11.92
N LYS A 176 17.32 0.20 -12.96
CA LYS A 176 17.58 -1.24 -13.06
C LYS A 176 18.23 -1.87 -11.82
N GLU A 177 19.14 -1.14 -11.19
CA GLU A 177 19.92 -1.64 -10.04
C GLU A 177 19.04 -2.14 -8.91
N THR A 178 17.88 -1.50 -8.74
CA THR A 178 16.92 -1.89 -7.72
C THR A 178 15.62 -2.41 -8.31
N LEU A 179 15.08 -1.72 -9.32
CA LEU A 179 13.82 -2.13 -9.95
C LEU A 179 13.86 -3.51 -10.59
N GLN A 180 15.00 -3.88 -11.17
CA GLN A 180 15.11 -5.19 -11.83
C GLN A 180 15.80 -6.25 -10.98
N ARG A 181 16.02 -5.93 -9.71
CA ARG A 181 16.66 -6.85 -8.80
C ARG A 181 15.58 -7.54 -7.99
N THR A 182 15.72 -8.85 -7.81
CA THR A 182 14.85 -9.58 -6.89
C THR A 182 15.64 -9.86 -5.63
N ASP A 183 15.01 -9.64 -4.47
CA ASP A 183 15.63 -9.92 -3.21
C ASP A 183 14.90 -11.13 -2.61
N ALA A 184 15.55 -12.29 -2.62
CA ALA A 184 14.91 -13.51 -2.11
C ALA A 184 14.69 -13.38 -0.61
N PRO A 185 13.60 -13.98 -0.09
CA PRO A 185 13.42 -13.86 1.35
C PRO A 185 14.53 -14.53 2.14
N LYS A 186 14.93 -13.89 3.23
CA LYS A 186 15.80 -14.49 4.24
C LYS A 186 14.88 -15.19 5.25
N THR A 187 15.01 -16.52 5.34
CA THR A 187 14.06 -17.31 6.12
C THR A 187 14.67 -17.95 7.35
N HIS A 188 13.86 -18.13 8.38
CA HIS A 188 14.26 -18.87 9.57
C HIS A 188 13.00 -19.27 10.31
N MET A 189 13.14 -20.19 11.26
CA MET A 189 12.01 -20.65 12.03
C MET A 189 12.27 -20.43 13.50
N THR A 190 11.24 -20.04 14.24
CA THR A 190 11.35 -19.98 15.70
C THR A 190 10.38 -20.97 16.39
N HIS A 191 10.61 -21.19 17.68
CA HIS A 191 9.86 -22.17 18.47
C HIS A 191 9.49 -21.54 19.81
N HIS A 192 8.25 -21.71 20.26
CA HIS A 192 7.84 -21.27 21.59
C HIS A 192 6.91 -22.31 22.20
N ALA A 193 7.23 -22.75 23.40
CA ALA A 193 6.40 -23.70 24.12
C ALA A 193 5.33 -22.94 24.91
N VAL A 194 4.05 -23.15 24.57
CA VAL A 194 2.97 -22.50 25.33
C VAL A 194 2.72 -23.23 26.67
N SER A 195 2.91 -24.54 26.64
CA SER A 195 2.80 -25.40 27.81
C SER A 195 3.70 -26.62 27.55
N ASP A 196 3.70 -27.62 28.43
CA ASP A 196 4.52 -28.80 28.13
C ASP A 196 3.85 -29.76 27.14
N HIS A 197 2.71 -29.36 26.58
CA HIS A 197 1.97 -30.18 25.62
CA HIS A 197 2.07 -30.22 25.58
C HIS A 197 1.88 -29.56 24.22
N GLU A 198 2.00 -28.24 24.15
CA GLU A 198 1.73 -27.51 22.91
C GLU A 198 2.83 -26.48 22.60
N ALA A 199 3.29 -26.48 21.35
CA ALA A 199 4.35 -25.56 20.92
C ALA A 199 3.92 -24.78 19.68
N THR A 200 4.47 -23.57 19.50
CA THR A 200 4.24 -22.79 18.29
C THR A 200 5.51 -22.74 17.47
N LEU A 201 5.41 -23.09 16.19
CA LEU A 201 6.49 -22.93 15.23
C LEU A 201 6.18 -21.73 14.37
N ARG A 202 7.12 -20.80 14.21
CA ARG A 202 6.87 -19.62 13.37
C ARG A 202 7.90 -19.55 12.26
N CYS A 203 7.42 -19.46 11.03
CA CYS A 203 8.30 -19.48 9.88
C CYS A 203 8.33 -18.08 9.28
N TRP A 204 9.51 -17.47 9.29
CA TRP A 204 9.69 -16.06 8.91
C TRP A 204 10.28 -15.90 7.52
N ALA A 205 9.80 -14.90 6.77
CA ALA A 205 10.44 -14.45 5.55
C ALA A 205 10.67 -12.95 5.71
N LEU A 206 11.92 -12.54 5.55
CA LEU A 206 12.34 -11.17 5.83
C LEU A 206 13.14 -10.62 4.64
N SER A 207 13.16 -9.29 4.50
CA SER A 207 14.05 -8.62 3.56
CA SER A 207 14.02 -8.57 3.56
C SER A 207 13.83 -9.00 2.09
N PHE A 208 12.58 -9.34 1.71
CA PHE A 208 12.30 -9.73 0.33
C PHE A 208 11.69 -8.61 -0.52
N TYR A 209 11.87 -8.74 -1.83
CA TYR A 209 11.32 -7.82 -2.80
C TYR A 209 11.25 -8.55 -4.14
N PRO A 210 10.11 -8.45 -4.86
CA PRO A 210 8.88 -7.72 -4.53
C PRO A 210 8.05 -8.33 -3.42
N ALA A 211 6.92 -7.71 -3.12
CA ALA A 211 6.13 -8.02 -1.93
C ALA A 211 5.40 -9.35 -2.04
N GLU A 212 5.13 -9.77 -3.28
CA GLU A 212 4.37 -11.00 -3.53
C GLU A 212 5.15 -12.22 -3.03
N ILE A 213 4.47 -13.07 -2.27
CA ILE A 213 5.11 -14.23 -1.65
C ILE A 213 4.02 -15.20 -1.19
N THR A 214 4.40 -16.47 -1.05
CA THR A 214 3.51 -17.47 -0.43
CA THR A 214 3.51 -17.50 -0.47
C THR A 214 4.25 -18.28 0.61
N LEU A 215 3.66 -18.38 1.80
CA LEU A 215 4.25 -19.12 2.90
C LEU A 215 3.19 -20.10 3.34
N THR A 216 3.55 -21.37 3.39
CA THR A 216 2.57 -22.39 3.79
C THR A 216 3.22 -23.47 4.66
N TRP A 217 2.38 -24.15 5.44
CA TRP A 217 2.79 -25.30 6.25
C TRP A 217 2.32 -26.61 5.63
N GLN A 218 3.16 -27.63 5.74
CA GLN A 218 2.75 -29.01 5.53
C GLN A 218 2.99 -29.85 6.78
N ARG A 219 2.16 -30.87 6.96
CA ARG A 219 2.35 -31.85 8.02
C ARG A 219 2.48 -33.19 7.29
N ASP A 220 3.58 -33.88 7.54
CA ASP A 220 3.89 -35.13 6.84
C ASP A 220 3.68 -35.02 5.32
N GLY A 221 4.09 -33.88 4.74
CA GLY A 221 4.00 -33.68 3.29
C GLY A 221 2.62 -33.36 2.74
N GLU A 222 1.67 -33.07 3.62
CA GLU A 222 0.36 -32.61 3.18
C GLU A 222 0.04 -31.23 3.76
N ASP A 223 -0.59 -30.37 2.96
CA ASP A 223 -0.93 -29.01 3.38
C ASP A 223 -1.70 -28.97 4.71
N GLN A 224 -1.32 -28.01 5.54
CA GLN A 224 -1.91 -27.83 6.86
C GLN A 224 -2.34 -26.37 6.99
N THR A 225 -3.64 -26.14 7.08
CA THR A 225 -4.18 -24.80 7.34
C THR A 225 -4.79 -24.67 8.73
N GLN A 226 -5.34 -25.77 9.26
CA GLN A 226 -5.83 -25.78 10.64
C GLN A 226 -4.73 -25.46 11.63
N ASP A 227 -5.08 -24.71 12.68
CA ASP A 227 -4.12 -24.28 13.71
C ASP A 227 -2.95 -23.46 13.18
N THR A 228 -3.17 -22.73 12.10
CA THR A 228 -2.14 -21.86 11.55
C THR A 228 -2.60 -20.41 11.56
N GLU A 229 -1.63 -19.49 11.64
CA GLU A 229 -1.92 -18.06 11.54
C GLU A 229 -0.91 -17.44 10.57
N LEU A 230 -1.40 -16.62 9.63
CA LEU A 230 -0.55 -15.99 8.61
C LEU A 230 -0.79 -14.48 8.66
N VAL A 231 0.24 -13.70 9.00
CA VAL A 231 0.08 -12.22 9.03
C VAL A 231 0.15 -11.64 7.64
N GLU A 232 -0.49 -10.49 7.47
CA GLU A 232 -0.42 -9.79 6.19
C GLU A 232 1.03 -9.35 5.94
N THR A 233 1.44 -9.41 4.67
CA THR A 233 2.76 -8.92 4.26
C THR A 233 2.90 -7.45 4.64
N ARG A 234 4.04 -7.08 5.19
CA ARG A 234 4.19 -5.74 5.76
C ARG A 234 5.52 -5.13 5.31
N PRO A 235 5.56 -3.80 5.14
CA PRO A 235 6.81 -3.13 4.78
C PRO A 235 7.81 -3.08 5.93
N ALA A 236 9.06 -3.44 5.63
CA ALA A 236 10.16 -3.30 6.59
C ALA A 236 10.50 -1.83 6.80
N GLY A 237 10.27 -1.01 5.78
CA GLY A 237 10.62 0.42 5.86
C GLY A 237 11.90 0.79 5.15
N ASP A 238 12.63 -0.21 4.64
CA ASP A 238 13.84 0.02 3.86
C ASP A 238 13.63 -0.37 2.39
N GLY A 239 12.36 -0.46 1.98
CA GLY A 239 12.04 -0.90 0.62
C GLY A 239 11.69 -2.38 0.51
N THR A 240 12.02 -3.18 1.52
CA THR A 240 11.72 -4.62 1.49
C THR A 240 10.51 -4.97 2.36
N PHE A 241 10.17 -6.24 2.37
CA PHE A 241 8.91 -6.72 2.96
C PHE A 241 9.15 -7.90 3.88
N GLN A 242 8.18 -8.15 4.77
CA GLN A 242 8.28 -9.15 5.82
C GLN A 242 6.97 -9.92 5.87
N LYS A 243 7.05 -11.18 6.25
CA LYS A 243 5.84 -12.02 6.45
C LYS A 243 6.20 -13.21 7.32
N TRP A 244 5.21 -13.70 8.06
CA TRP A 244 5.39 -14.95 8.77
C TRP A 244 4.12 -15.78 8.80
N VAL A 245 4.29 -17.08 8.99
CA VAL A 245 3.20 -18.01 9.20
C VAL A 245 3.55 -18.90 10.39
N ALA A 246 2.57 -19.20 11.23
CA ALA A 246 2.78 -20.01 12.42
C ALA A 246 1.83 -21.21 12.47
N VAL A 247 2.26 -22.28 13.12
CA VAL A 247 1.42 -23.44 13.37
C VAL A 247 1.57 -23.87 14.82
N VAL A 248 0.47 -24.33 15.42
CA VAL A 248 0.49 -24.93 16.75
C VAL A 248 0.60 -26.45 16.58
N VAL A 249 1.57 -27.04 17.28
CA VAL A 249 1.87 -28.48 17.17
C VAL A 249 1.96 -29.13 18.56
N PRO A 250 1.68 -30.46 18.65
CA PRO A 250 1.99 -31.20 19.87
C PRO A 250 3.48 -31.14 20.12
N SER A 251 3.86 -30.73 21.33
CA SER A 251 5.27 -30.69 21.72
CA SER A 251 5.27 -30.68 21.68
C SER A 251 5.90 -32.04 21.40
N GLY A 252 7.08 -32.03 20.78
CA GLY A 252 7.76 -33.27 20.41
C GLY A 252 7.52 -33.76 18.99
N GLN A 253 6.51 -33.20 18.30
CA GLN A 253 6.16 -33.59 16.93
C GLN A 253 6.57 -32.54 15.90
N GLU A 254 7.47 -31.63 16.30
CA GLU A 254 7.90 -30.53 15.41
C GLU A 254 8.43 -31.01 14.06
N GLN A 255 9.14 -32.14 14.07
CA GLN A 255 9.72 -32.74 12.86
C GLN A 255 8.75 -33.06 11.71
N ARG A 256 7.46 -33.25 12.01
CA ARG A 256 6.46 -33.53 10.98
C ARG A 256 6.17 -32.29 10.13
N TYR A 257 6.48 -31.12 10.66
CA TYR A 257 6.01 -29.85 10.09
C TYR A 257 7.11 -29.18 9.28
N THR A 258 6.77 -28.81 8.04
CA THR A 258 7.69 -28.10 7.17
C THR A 258 7.05 -26.83 6.62
N CYS A 259 7.86 -25.78 6.51
CA CYS A 259 7.42 -24.50 5.98
C CYS A 259 7.89 -24.39 4.55
N HIS A 260 7.03 -23.89 3.68
CA HIS A 260 7.30 -23.81 2.26
C HIS A 260 7.19 -22.39 1.78
N VAL A 261 8.19 -21.97 1.01
CA VAL A 261 8.32 -20.56 0.65
C VAL A 261 8.46 -20.43 -0.85
N GLN A 262 7.56 -19.66 -1.44
CA GLN A 262 7.62 -19.38 -2.88
C GLN A 262 7.77 -17.88 -3.11
N HIS A 263 8.75 -17.49 -3.94
CA HIS A 263 9.04 -16.08 -4.21
C HIS A 263 9.81 -15.97 -5.53
N GLU A 264 9.55 -14.89 -6.26
CA GLU A 264 10.24 -14.56 -7.53
C GLU A 264 11.76 -14.71 -7.45
N GLY A 265 12.33 -14.38 -6.29
CA GLY A 265 13.79 -14.39 -6.09
C GLY A 265 14.39 -15.75 -5.78
N LEU A 266 13.54 -16.76 -5.65
CA LEU A 266 13.96 -18.16 -5.47
C LEU A 266 13.72 -18.95 -6.76
N PRO A 267 14.80 -19.48 -7.38
CA PRO A 267 14.67 -20.35 -8.57
C PRO A 267 13.69 -21.51 -8.36
N LYS A 268 13.81 -22.20 -7.22
CA LYS A 268 12.86 -23.22 -6.80
C LYS A 268 12.32 -22.90 -5.39
N PRO A 269 11.07 -23.32 -5.08
CA PRO A 269 10.50 -23.17 -3.73
C PRO A 269 11.45 -23.68 -2.63
N LEU A 270 11.41 -23.02 -1.47
CA LEU A 270 12.26 -23.33 -0.32
C LEU A 270 11.47 -24.19 0.66
N THR A 271 12.15 -25.14 1.30
CA THR A 271 11.54 -25.92 2.37
C THR A 271 12.37 -25.76 3.64
N LEU A 272 11.71 -25.38 4.74
CA LEU A 272 12.37 -25.25 6.05
C LEU A 272 11.85 -26.28 7.05
N ARG A 273 12.72 -26.70 7.98
CA ARG A 273 12.40 -27.66 9.04
C ARG A 273 12.94 -27.17 10.38
N TRP A 274 12.29 -27.55 11.48
CA TRP A 274 12.79 -27.21 12.81
C TRP A 274 13.98 -28.09 13.21
N GLU A 275 14.94 -27.51 13.94
CA GLU A 275 16.10 -28.25 14.46
C GLU A 275 16.31 -27.91 15.93
N MET B 1 -21.99 6.36 5.22
CA MET B 1 -20.50 6.39 5.39
C MET B 1 -19.98 5.02 5.81
N ILE B 2 -19.05 4.47 5.03
CA ILE B 2 -18.38 3.22 5.40
C ILE B 2 -17.34 3.47 6.49
N GLN B 3 -17.32 2.56 7.45
CA GLN B 3 -16.36 2.61 8.53
C GLN B 3 -15.59 1.30 8.54
N ARG B 4 -14.34 1.37 8.09
CA ARG B 4 -13.47 0.20 8.14
C ARG B 4 -12.42 0.47 9.19
N THR B 5 -12.30 -0.43 10.15
CA THR B 5 -11.40 -0.26 11.30
C THR B 5 -9.96 -0.62 10.94
N PRO B 6 -8.96 0.14 11.45
CA PRO B 6 -7.59 -0.25 11.08
C PRO B 6 -7.09 -1.56 11.69
N LYS B 7 -6.40 -2.34 10.86
CA LYS B 7 -5.59 -3.46 11.27
C LYS B 7 -4.23 -2.90 11.69
N ILE B 8 -3.63 -3.48 12.73
CA ILE B 8 -2.39 -2.96 13.29
C ILE B 8 -1.33 -4.05 13.43
N GLN B 9 -0.13 -3.78 12.91
CA GLN B 9 1.04 -4.61 13.25
C GLN B 9 2.16 -3.73 13.79
N VAL B 10 2.77 -4.18 14.87
CA VAL B 10 3.90 -3.48 15.47
C VAL B 10 5.11 -4.42 15.47
N TYR B 11 6.24 -3.95 14.95
CA TYR B 11 7.39 -4.82 14.67
C TYR B 11 8.65 -4.01 14.34
N SER B 12 9.81 -4.69 14.30
CA SER B 12 11.07 -4.00 14.01
C SER B 12 11.45 -4.15 12.53
N ARG B 13 12.17 -3.16 12.00
CA ARG B 13 12.71 -3.28 10.65
C ARG B 13 13.71 -4.45 10.52
N HIS B 14 14.61 -4.55 11.49
CA HIS B 14 15.67 -5.56 11.51
C HIS B 14 15.50 -6.48 12.70
N PRO B 15 16.13 -7.68 12.64
CA PRO B 15 16.11 -8.57 13.80
C PRO B 15 16.46 -7.84 15.09
N ALA B 16 15.66 -8.04 16.12
CA ALA B 16 15.78 -7.28 17.36
C ALA B 16 16.81 -7.88 18.29
N GLU B 17 17.75 -7.06 18.74
CA GLU B 17 18.79 -7.50 19.64
C GLU B 17 18.97 -6.43 20.71
N ASN B 18 18.80 -6.81 21.97
CA ASN B 18 18.97 -5.85 23.07
C ASN B 18 20.27 -5.11 22.91
N GLY B 19 20.21 -3.78 23.01
CA GLY B 19 21.40 -2.94 22.90
C GLY B 19 21.79 -2.46 21.52
N LYS B 20 21.14 -2.98 20.49
CA LYS B 20 21.56 -2.67 19.12
C LYS B 20 20.50 -1.91 18.32
N SER B 21 20.96 -0.83 17.69
CA SER B 21 20.15 0.17 16.98
C SER B 21 19.26 -0.44 15.89
N ASN B 22 18.05 0.09 15.76
CA ASN B 22 17.00 -0.55 14.95
C ASN B 22 15.91 0.49 14.65
N PHE B 23 14.82 0.04 14.02
CA PHE B 23 13.70 0.94 13.71
C PHE B 23 12.42 0.24 14.15
N LEU B 24 11.54 0.98 14.81
CA LEU B 24 10.28 0.43 15.28
C LEU B 24 9.21 0.89 14.32
N ASN B 25 8.41 -0.05 13.84
CA ASN B 25 7.35 0.22 12.90
C ASN B 25 5.98 -0.01 13.49
N CYS B 26 5.02 0.81 13.08
CA CYS B 26 3.61 0.50 13.29
C CYS B 26 2.90 0.62 11.94
N TYR B 27 2.43 -0.51 11.43
CA TYR B 27 1.78 -0.56 10.14
C TYR B 27 0.28 -0.63 10.35
N VAL B 28 -0.42 0.38 9.84
CA VAL B 28 -1.87 0.43 9.91
C VAL B 28 -2.49 0.32 8.51
N SER B 29 -3.48 -0.55 8.36
CA SER B 29 -4.03 -0.82 7.04
C SER B 29 -5.52 -1.17 7.14
N GLY B 30 -6.19 -1.20 5.98
CA GLY B 30 -7.57 -1.66 5.88
C GLY B 30 -8.59 -0.69 6.44
N PHE B 31 -8.20 0.56 6.63
CA PHE B 31 -9.11 1.53 7.27
C PHE B 31 -9.70 2.56 6.30
N HIS B 32 -10.84 3.12 6.68
CA HIS B 32 -11.50 4.16 5.91
C HIS B 32 -12.45 4.88 6.89
N PRO B 33 -12.51 6.23 6.85
CA PRO B 33 -11.78 7.25 6.10
C PRO B 33 -10.29 7.34 6.46
N SER B 34 -9.55 8.21 5.76
CA SER B 34 -8.08 8.27 5.87
C SER B 34 -7.56 8.90 7.17
N ASP B 35 -8.36 9.76 7.79
CA ASP B 35 -7.96 10.44 9.02
CA ASP B 35 -7.92 10.44 9.00
C ASP B 35 -7.67 9.43 10.12
N ILE B 36 -6.48 9.47 10.70
CA ILE B 36 -6.08 8.51 11.70
C ILE B 36 -5.00 9.11 12.62
N GLU B 37 -5.00 8.67 13.87
CA GLU B 37 -4.03 9.10 14.88
C GLU B 37 -3.16 7.90 15.26
N VAL B 38 -1.87 7.98 14.96
CA VAL B 38 -0.96 6.89 15.32
C VAL B 38 0.21 7.44 16.09
N ASP B 39 0.45 6.86 17.27
CA ASP B 39 1.64 7.17 18.07
C ASP B 39 2.39 5.90 18.41
N LEU B 40 3.71 6.02 18.53
CA LEU B 40 4.54 4.97 19.08
C LEU B 40 4.89 5.33 20.52
N LEU B 41 4.79 4.33 21.41
CA LEU B 41 5.00 4.54 22.85
C LEU B 41 6.23 3.82 23.35
N LYS B 42 6.94 4.47 24.26
CA LYS B 42 8.04 3.84 24.98
C LYS B 42 7.68 3.91 26.44
N ASN B 43 7.48 2.75 27.05
CA ASN B 43 7.03 2.65 28.43
C ASN B 43 5.81 3.55 28.71
N GLY B 44 4.86 3.55 27.77
CA GLY B 44 3.60 4.29 27.90
C GLY B 44 3.68 5.75 27.45
N GLU B 45 4.87 6.23 27.15
CA GLU B 45 5.08 7.62 26.82
C GLU B 45 5.28 7.83 25.32
N ARG B 46 4.59 8.82 24.78
CA ARG B 46 4.63 9.14 23.35
C ARG B 46 6.03 9.50 22.87
N ILE B 47 6.51 8.76 21.88
CA ILE B 47 7.77 9.06 21.21
C ILE B 47 7.57 10.23 20.25
N GLU B 48 8.51 11.19 20.28
CA GLU B 48 8.40 12.43 19.52
C GLU B 48 8.89 12.36 18.07
N LYS B 49 9.99 11.65 17.82
CA LYS B 49 10.56 11.63 16.47
C LYS B 49 9.93 10.53 15.60
N VAL B 50 8.65 10.69 15.26
CA VAL B 50 7.96 9.65 14.49
C VAL B 50 7.58 10.16 13.10
N GLU B 51 7.99 9.43 12.07
CA GLU B 51 7.60 9.74 10.70
C GLU B 51 6.63 8.71 10.15
N HIS B 52 6.06 8.98 8.99
CA HIS B 52 5.12 8.07 8.35
C HIS B 52 5.22 8.15 6.82
N SER B 53 4.87 7.04 6.17
CA SER B 53 4.79 6.96 4.72
C SER B 53 3.71 7.88 4.16
N ASP B 54 3.80 8.16 2.87
CA ASP B 54 2.74 8.86 2.16
C ASP B 54 1.49 7.99 1.99
N LEU B 55 0.35 8.59 2.28
CA LEU B 55 -0.95 7.91 2.20
C LEU B 55 -1.19 7.21 0.87
N SER B 56 -1.47 5.91 0.91
CA SER B 56 -1.83 5.18 -0.31
C SER B 56 -2.96 4.23 0.06
N PHE B 57 -3.43 3.44 -0.91
CA PHE B 57 -4.54 2.54 -0.67
C PHE B 57 -4.47 1.30 -1.56
N SER B 58 -5.17 0.26 -1.12
CA SER B 58 -5.20 -1.02 -1.81
CA SER B 58 -5.20 -1.02 -1.82
C SER B 58 -6.35 -1.05 -2.82
N LYS B 59 -6.46 -2.16 -3.56
CA LYS B 59 -7.55 -2.33 -4.53
C LYS B 59 -8.96 -2.12 -3.99
N ASP B 60 -9.19 -2.52 -2.73
CA ASP B 60 -10.51 -2.36 -2.11
C ASP B 60 -10.76 -0.94 -1.57
N TRP B 61 -9.87 -0.01 -1.92
CA TRP B 61 -9.94 1.42 -1.51
C TRP B 61 -9.49 1.72 -0.07
N SER B 62 -9.19 0.69 0.70
CA SER B 62 -8.82 0.91 2.11
C SER B 62 -7.40 1.45 2.22
N PHE B 63 -7.17 2.34 3.17
CA PHE B 63 -5.88 3.04 3.28
C PHE B 63 -4.86 2.25 4.06
N TYR B 64 -3.59 2.57 3.83
CA TYR B 64 -2.51 2.04 4.64
C TYR B 64 -1.41 3.08 4.81
N LEU B 65 -0.79 3.03 5.99
CA LEU B 65 0.33 3.88 6.38
C LEU B 65 1.33 3.12 7.25
N LEU B 66 2.60 3.46 7.09
CA LEU B 66 3.66 3.01 7.97
C LEU B 66 4.15 4.17 8.81
N TYR B 67 4.14 3.98 10.13
CA TYR B 67 4.74 4.94 11.05
C TYR B 67 5.99 4.29 11.62
N TYR B 68 7.05 5.07 11.76
CA TYR B 68 8.33 4.49 12.15
C TYR B 68 9.20 5.50 12.89
N THR B 69 10.01 4.96 13.80
CA THR B 69 11.06 5.73 14.47
C THR B 69 12.26 4.85 14.81
N GLU B 70 13.42 5.48 14.96
CA GLU B 70 14.64 4.79 15.34
C GLU B 70 14.52 4.42 16.82
N PHE B 71 14.89 3.19 17.16
CA PHE B 71 14.88 2.71 18.56
C PHE B 71 15.98 1.67 18.85
N THR B 72 16.30 1.53 20.13
CA THR B 72 17.25 0.50 20.58
C THR B 72 16.50 -0.33 21.61
N PRO B 73 16.14 -1.57 21.25
CA PRO B 73 15.46 -2.43 22.23
C PRO B 73 16.33 -2.79 23.42
N THR B 74 15.67 -3.07 24.55
CA THR B 74 16.31 -3.54 25.77
C THR B 74 15.37 -4.55 26.40
N GLU B 75 15.84 -5.23 27.44
CA GLU B 75 15.02 -6.22 28.12
C GLU B 75 13.89 -5.52 28.89
N LYS B 76 14.18 -4.36 29.45
CA LYS B 76 13.24 -3.68 30.33
C LYS B 76 12.19 -2.84 29.57
N ASP B 77 12.63 -2.03 28.62
CA ASP B 77 11.78 -1.08 27.91
C ASP B 77 10.63 -1.75 27.16
N GLU B 78 9.42 -1.22 27.36
CA GLU B 78 8.22 -1.71 26.67
CA GLU B 78 8.23 -1.70 26.68
C GLU B 78 7.83 -0.75 25.54
N TYR B 79 7.61 -1.30 24.35
CA TYR B 79 7.20 -0.48 23.20
C TYR B 79 5.82 -0.90 22.73
N ALA B 80 5.08 0.06 22.19
CA ALA B 80 3.72 -0.17 21.73
C ALA B 80 3.36 0.84 20.67
N CYS B 81 2.26 0.57 19.97
CA CYS B 81 1.65 1.49 19.05
C CYS B 81 0.22 1.75 19.50
N ARG B 82 -0.17 3.03 19.50
CA ARG B 82 -1.49 3.45 19.95
C ARG B 82 -2.27 4.06 18.78
N VAL B 83 -3.42 3.49 18.51
CA VAL B 83 -4.18 3.94 17.34
C VAL B 83 -5.56 4.42 17.71
N ASN B 84 -5.89 5.61 17.20
CA ASN B 84 -7.28 6.08 17.25
C ASN B 84 -7.80 6.40 15.86
N HIS B 85 -9.06 6.06 15.65
CA HIS B 85 -9.73 6.23 14.37
C HIS B 85 -11.23 6.34 14.65
N VAL B 86 -11.97 6.95 13.73
CA VAL B 86 -13.39 7.20 13.96
C VAL B 86 -14.17 5.94 14.35
N THR B 87 -13.69 4.79 13.85
CA THR B 87 -14.29 3.48 14.12
C THR B 87 -14.01 2.96 15.53
N LEU B 88 -13.12 3.62 16.25
CA LEU B 88 -12.70 3.12 17.56
C LEU B 88 -13.27 3.99 18.66
N SER B 89 -14.03 3.36 19.57
CA SER B 89 -14.58 4.07 20.74
C SER B 89 -13.47 4.53 21.68
N GLN B 90 -12.47 3.67 21.85
CA GLN B 90 -11.27 3.99 22.61
C GLN B 90 -10.03 3.65 21.75
N PRO B 91 -8.92 4.39 21.97
CA PRO B 91 -7.61 4.06 21.36
C PRO B 91 -7.18 2.60 21.56
N LYS B 92 -6.73 1.97 20.49
CA LYS B 92 -6.25 0.59 20.53
C LYS B 92 -4.75 0.63 20.76
N ILE B 93 -4.27 -0.15 21.73
CA ILE B 93 -2.84 -0.25 21.96
C ILE B 93 -2.40 -1.66 21.64
N VAL B 94 -1.39 -1.78 20.79
CA VAL B 94 -0.81 -3.09 20.45
C VAL B 94 0.63 -3.08 20.92
N LYS B 95 0.96 -4.03 21.78
CA LYS B 95 2.32 -4.12 22.31
C LYS B 95 3.30 -4.69 21.27
N TRP B 96 4.53 -4.18 21.27
CA TRP B 96 5.56 -4.79 20.48
C TRP B 96 6.03 -6.08 21.16
N ASP B 97 5.93 -7.18 20.40
CA ASP B 97 6.42 -8.49 20.81
C ASP B 97 7.52 -8.87 19.82
N ARG B 98 8.75 -9.00 20.27
CA ARG B 98 9.89 -9.27 19.38
C ARG B 98 9.75 -10.59 18.60
N ASP B 99 8.86 -11.47 19.04
CA ASP B 99 8.62 -12.74 18.37
C ASP B 99 7.52 -12.67 17.31
N MET B 100 7.06 -11.45 17.01
CA MET B 100 5.84 -11.22 16.21
C MET B 100 6.05 -10.19 15.09
N CYS C 1 5.27 8.94 -15.40
CA CYS C 1 4.69 10.14 -16.11
C CYS C 1 3.17 10.11 -15.96
N ILE C 2 2.60 11.09 -15.26
CA ILE C 2 1.15 11.09 -15.03
C ILE C 2 0.36 11.58 -16.25
N ASN C 3 -0.89 11.16 -16.32
CA ASN C 3 -1.77 11.50 -17.45
C ASN C 3 -2.08 13.00 -17.47
N GLY C 4 -1.92 13.61 -18.65
CA GLY C 4 -1.95 15.08 -18.78
C GLY C 4 -3.27 15.73 -19.12
N MET C 5 -4.32 14.93 -19.22
N MET C 5 -4.32 14.94 -19.28
CA MET C 5 -5.67 15.40 -19.53
CA MET C 5 -5.66 15.47 -19.51
C MET C 5 -6.66 14.99 -18.45
C MET C 5 -6.59 15.06 -18.37
N CYS C 6 -7.62 15.87 -18.14
CA CYS C 6 -8.56 15.66 -17.03
C CYS C 6 -10.01 15.97 -17.40
N TRP C 7 -10.93 15.22 -16.80
CA TRP C 7 -12.37 15.42 -16.93
C TRP C 7 -12.99 15.26 -15.56
N THR C 8 -14.06 16.01 -15.31
CA THR C 8 -14.73 16.00 -14.03
CA THR C 8 -14.73 15.98 -14.02
C THR C 8 -15.95 15.07 -14.09
N VAL C 9 -16.37 14.53 -12.95
CA VAL C 9 -17.47 13.57 -12.96
C VAL C 9 -18.83 14.23 -13.16
#